data_5WCJ
#
_entry.id   5WCJ
#
_cell.length_a   50.131
_cell.length_b   67.450
_cell.length_c   71.230
_cell.angle_alpha   90.000
_cell.angle_beta   90.000
_cell.angle_gamma   90.000
#
_symmetry.space_group_name_H-M   'P 21 21 21'
#
loop_
_entity.id
_entity.type
_entity.pdbx_description
1 polymer 'Methyltransferase-like protein 13'
2 non-polymer 'UNKNOWN ATOM OR ION'
3 non-polymer S-ADENOSYL-L-HOMOCYSTEINE
4 water water
#
_entity_poly.entity_id   1
_entity_poly.type   'polypeptide(L)'
_entity_poly.pdbx_seq_one_letter_code
;MHHHHHHSSGRENLYFQGCCEHHKAMIAGLALLRNPELLLEIPLALLVVGLGGGSLPLFVHDHFPKSCIDAVEIDPSMLE
VATQWFGFSQSDRMKVHIADGLDYIASLAGGGEARPCYDVIMFDVDSKDPTLGMSCPPPAFVEQSFLQKVKSILTPEGVF
ILNLVCRDLGLKDSVLAGLKAVFPLLYVRRIEGEVNEILFCQLHPEQKLATPELLETAQALERTLRKPGRGWDDTYVLSD
MLKTVKIV
;
_entity_poly.pdbx_strand_id   A
#
# COMPACT_ATOMS: atom_id res chain seq x y z
N CYS A 19 8.72 8.94 -3.67
CA CYS A 19 9.47 9.73 -4.71
C CYS A 19 8.54 10.67 -5.50
N CYS A 20 7.65 10.12 -6.34
CA CYS A 20 6.60 10.93 -6.98
C CYS A 20 5.54 11.35 -5.96
N GLU A 21 4.73 12.31 -6.35
CA GLU A 21 3.80 12.94 -5.41
C GLU A 21 2.73 11.98 -4.90
N HIS A 22 2.17 11.12 -5.75
CA HIS A 22 1.15 10.21 -5.24
C HIS A 22 1.76 9.13 -4.35
N HIS A 23 3.01 8.73 -4.62
CA HIS A 23 3.70 7.80 -3.71
C HIS A 23 3.96 8.37 -2.34
N LYS A 24 4.43 9.62 -2.27
CA LYS A 24 4.59 10.31 -0.99
C LYS A 24 3.29 10.35 -0.18
N ALA A 25 2.19 10.65 -0.85
CA ALA A 25 0.87 10.62 -0.21
C ALA A 25 0.45 9.23 0.30
N MET A 26 0.75 8.18 -0.46
CA MET A 26 0.42 6.82 0.00
C MET A 26 1.22 6.41 1.24
N ILE A 27 2.52 6.70 1.22
CA ILE A 27 3.41 6.44 2.34
C ILE A 27 2.94 7.21 3.58
N ALA A 28 2.41 8.41 3.40
CA ALA A 28 1.86 9.23 4.49
C ALA A 28 0.76 8.51 5.27
N GLY A 29 0.04 7.59 4.62
CA GLY A 29 -0.98 6.81 5.27
C GLY A 29 -0.53 5.92 6.41
N LEU A 30 0.75 5.58 6.43
CA LEU A 30 1.31 4.82 7.55
C LEU A 30 1.12 5.58 8.89
N ALA A 31 1.01 6.90 8.84
CA ALA A 31 0.71 7.69 10.05
C ALA A 31 -0.61 7.31 10.75
N LEU A 32 -1.57 6.69 10.04
CA LEU A 32 -2.80 6.23 10.68
C LEU A 32 -2.68 4.95 11.50
N LEU A 33 -1.50 4.32 11.51
CA LEU A 33 -1.32 3.07 12.28
C LEU A 33 -1.09 3.25 13.79
N ARG A 34 -0.19 4.13 14.19
CA ARG A 34 0.34 4.10 15.57
C ARG A 34 1.52 5.05 15.73
N ASN A 35 1.96 5.24 16.99
CA ASN A 35 3.12 6.09 17.29
C ASN A 35 4.21 5.97 16.20
N PRO A 36 4.50 7.06 15.46
CA PRO A 36 5.46 7.00 14.35
C PRO A 36 6.90 6.78 14.78
N GLU A 37 7.20 7.09 16.04
CA GLU A 37 8.42 6.64 16.69
C GLU A 37 8.45 5.12 16.67
N LEU A 38 7.38 4.51 17.19
CA LEU A 38 7.29 3.06 17.21
C LEU A 38 7.30 2.44 15.82
N LEU A 39 6.72 3.12 14.84
CA LEU A 39 6.54 2.61 13.47
C LEU A 39 7.82 2.11 12.80
N LEU A 40 8.93 2.82 12.97
CA LEU A 40 10.22 2.35 12.49
C LEU A 40 10.79 1.17 13.30
N GLU A 41 10.42 1.11 14.58
CA GLU A 41 11.04 0.19 15.54
C GLU A 41 10.33 -1.15 15.70
N ILE A 42 9.20 -1.34 15.01
CA ILE A 42 8.41 -2.57 15.13
C ILE A 42 8.08 -3.14 13.73
N PRO A 43 7.95 -4.48 13.63
CA PRO A 43 7.66 -5.07 12.33
C PRO A 43 6.33 -4.58 11.74
N LEU A 44 6.31 -4.47 10.43
CA LEU A 44 5.16 -3.97 9.69
C LEU A 44 5.02 -4.89 8.50
N ALA A 45 3.85 -5.49 8.34
CA ALA A 45 3.55 -6.36 7.20
C ALA A 45 2.74 -5.54 6.16
N LEU A 46 3.25 -5.46 4.94
N LEU A 46 3.32 -5.39 4.97
CA LEU A 46 2.64 -4.65 3.89
CA LEU A 46 2.68 -4.68 3.85
C LEU A 46 2.48 -5.44 2.60
C LEU A 46 2.39 -5.62 2.70
N LEU A 47 1.26 -5.39 2.03
CA LEU A 47 0.96 -5.98 0.74
C LEU A 47 0.83 -4.80 -0.22
N VAL A 48 1.54 -4.86 -1.34
CA VAL A 48 1.44 -3.82 -2.36
C VAL A 48 1.06 -4.45 -3.67
N VAL A 49 -0.03 -3.98 -4.29
CA VAL A 49 -0.44 -4.48 -5.59
C VAL A 49 -0.13 -3.42 -6.60
N GLY A 50 0.69 -3.81 -7.59
CA GLY A 50 1.15 -2.94 -8.64
C GLY A 50 2.56 -2.50 -8.34
N LEU A 51 3.53 -2.96 -9.15
CA LEU A 51 4.97 -2.64 -8.90
C LEU A 51 5.42 -1.32 -9.50
N GLY A 52 4.91 -1.00 -10.70
CA GLY A 52 5.46 0.07 -11.53
C GLY A 52 6.95 -0.12 -11.68
N GLY A 53 7.70 0.98 -11.53
CA GLY A 53 9.16 0.94 -11.51
C GLY A 53 9.78 0.40 -10.22
N GLY A 54 8.96 0.10 -9.21
CA GLY A 54 9.41 -0.47 -7.95
C GLY A 54 9.71 0.56 -6.85
N SER A 55 9.58 1.83 -7.17
CA SER A 55 10.02 2.88 -6.24
C SER A 55 9.24 2.90 -4.93
N LEU A 56 7.93 2.60 -4.96
CA LEU A 56 7.11 2.62 -3.73
C LEU A 56 7.52 1.53 -2.74
N PRO A 57 7.51 0.25 -3.16
CA PRO A 57 7.97 -0.77 -2.22
C PRO A 57 9.47 -0.63 -1.87
N LEU A 58 10.27 -0.15 -2.80
CA LEU A 58 11.72 0.06 -2.52
C LEU A 58 11.94 1.13 -1.47
N PHE A 59 11.10 2.17 -1.51
CA PHE A 59 11.19 3.24 -0.50
C PHE A 59 10.88 2.68 0.89
N VAL A 60 9.81 1.90 0.99
CA VAL A 60 9.38 1.36 2.29
C VAL A 60 10.46 0.39 2.80
N HIS A 61 10.93 -0.49 1.92
CA HIS A 61 11.98 -1.45 2.28
C HIS A 61 13.20 -0.74 2.83
N ASP A 62 13.63 0.30 2.15
CA ASP A 62 14.85 1.06 2.50
C ASP A 62 14.71 1.93 3.74
N HIS A 63 13.52 2.50 3.98
CA HIS A 63 13.32 3.42 5.09
C HIS A 63 12.75 2.76 6.36
N PHE A 64 12.10 1.61 6.19
CA PHE A 64 11.54 0.87 7.31
C PHE A 64 12.26 -0.48 7.41
N PRO A 65 13.38 -0.53 8.15
CA PRO A 65 14.20 -1.77 8.17
C PRO A 65 13.51 -3.04 8.71
N LYS A 66 12.41 -2.89 9.43
CA LYS A 66 11.64 -4.04 9.89
C LYS A 66 10.35 -4.30 9.08
N SER A 67 10.19 -3.63 7.94
CA SER A 67 9.04 -3.91 7.06
C SER A 67 9.26 -5.24 6.35
N CYS A 68 8.14 -5.93 6.12
CA CYS A 68 8.11 -7.17 5.35
CA CYS A 68 8.10 -7.17 5.36
C CYS A 68 7.06 -6.96 4.28
N ILE A 69 7.48 -6.93 3.03
CA ILE A 69 6.61 -6.56 1.92
C ILE A 69 6.37 -7.74 1.01
N ASP A 70 5.09 -7.97 0.67
CA ASP A 70 4.69 -8.82 -0.44
C ASP A 70 4.16 -7.90 -1.54
N ALA A 71 4.78 -7.94 -2.71
CA ALA A 71 4.39 -7.13 -3.84
C ALA A 71 3.80 -8.05 -4.90
N VAL A 72 2.65 -7.68 -5.43
CA VAL A 72 2.00 -8.48 -6.47
C VAL A 72 1.95 -7.68 -7.77
N GLU A 73 2.44 -8.26 -8.86
CA GLU A 73 2.57 -7.56 -10.11
C GLU A 73 2.12 -8.50 -11.24
N ILE A 74 1.25 -8.02 -12.11
CA ILE A 74 0.66 -8.89 -13.15
C ILE A 74 1.62 -9.16 -14.34
N ASP A 75 2.54 -8.22 -14.60
CA ASP A 75 3.35 -8.19 -15.82
C ASP A 75 4.80 -8.52 -15.46
N PRO A 76 5.29 -9.71 -15.83
CA PRO A 76 6.69 -10.08 -15.48
C PRO A 76 7.74 -9.11 -16.05
N SER A 77 7.41 -8.43 -17.15
CA SER A 77 8.30 -7.45 -17.78
C SER A 77 8.55 -6.25 -16.88
N MET A 78 7.56 -5.89 -16.07
CA MET A 78 7.74 -4.78 -15.13
C MET A 78 8.74 -5.15 -14.05
N LEU A 79 8.65 -6.34 -13.51
CA LEU A 79 9.64 -6.83 -12.55
C LEU A 79 11.03 -6.94 -13.20
N GLU A 80 11.09 -7.44 -14.42
CA GLU A 80 12.39 -7.57 -15.12
C GLU A 80 13.13 -6.23 -15.25
N VAL A 81 12.45 -5.21 -15.80
CA VAL A 81 13.10 -3.93 -16.01
CA VAL A 81 13.06 -3.91 -16.01
C VAL A 81 13.45 -3.25 -14.69
N ALA A 82 12.59 -3.37 -13.67
CA ALA A 82 12.90 -2.77 -12.39
C ALA A 82 14.13 -3.41 -11.71
N THR A 83 14.24 -4.72 -11.85
CA THR A 83 15.35 -5.49 -11.29
C THR A 83 16.66 -5.25 -12.09
N GLN A 84 16.53 -5.09 -13.40
CA GLN A 84 17.72 -4.92 -14.27
C GLN A 84 18.28 -3.50 -14.25
N TRP A 85 17.42 -2.49 -14.13
CA TRP A 85 17.83 -1.11 -14.32
C TRP A 85 17.42 -0.10 -13.24
N PHE A 86 16.43 -0.41 -12.40
CA PHE A 86 15.93 0.55 -11.42
C PHE A 86 16.24 0.19 -9.97
N GLY A 87 17.22 -0.68 -9.74
CA GLY A 87 17.71 -0.97 -8.40
C GLY A 87 16.80 -1.78 -7.50
N PHE A 88 15.76 -2.37 -8.07
CA PHE A 88 14.86 -3.20 -7.32
C PHE A 88 15.48 -4.56 -7.07
N SER A 89 15.27 -5.13 -5.89
CA SER A 89 15.67 -6.51 -5.64
C SER A 89 14.78 -7.15 -4.60
N GLN A 90 14.71 -8.46 -4.65
CA GLN A 90 13.98 -9.24 -3.68
C GLN A 90 14.93 -9.71 -2.64
N SER A 91 14.37 -9.98 -1.46
CA SER A 91 15.12 -10.42 -0.28
C SER A 91 14.18 -11.14 0.65
N ASP A 92 14.69 -11.57 1.81
CA ASP A 92 13.84 -12.16 2.86
C ASP A 92 12.67 -11.28 3.30
N ARG A 93 12.86 -9.96 3.27
CA ARG A 93 11.83 -8.97 3.62
C ARG A 93 11.05 -8.38 2.43
N MET A 94 11.39 -8.71 1.19
CA MET A 94 10.62 -8.21 0.05
C MET A 94 10.52 -9.26 -1.03
N LYS A 95 9.31 -9.76 -1.23
CA LYS A 95 9.03 -10.81 -2.20
C LYS A 95 8.05 -10.26 -3.24
N VAL A 96 8.28 -10.60 -4.50
CA VAL A 96 7.39 -10.23 -5.59
C VAL A 96 6.74 -11.49 -6.13
N HIS A 97 5.43 -11.43 -6.27
CA HIS A 97 4.66 -12.53 -6.86
C HIS A 97 4.08 -12.04 -8.18
N ILE A 98 4.27 -12.81 -9.25
CA ILE A 98 3.75 -12.47 -10.55
C ILE A 98 2.37 -13.10 -10.65
N ALA A 99 1.35 -12.25 -10.60
CA ALA A 99 -0.05 -12.66 -10.52
C ALA A 99 -0.95 -11.44 -10.70
N ASP A 100 -2.19 -11.70 -11.10
CA ASP A 100 -3.24 -10.71 -11.04
C ASP A 100 -3.52 -10.52 -9.56
N GLY A 101 -3.49 -9.28 -9.06
CA GLY A 101 -3.80 -9.02 -7.64
C GLY A 101 -5.18 -9.56 -7.19
N LEU A 102 -6.15 -9.57 -8.09
CA LEU A 102 -7.49 -10.12 -7.79
C LEU A 102 -7.42 -11.59 -7.42
N ASP A 103 -6.73 -12.36 -8.25
CA ASP A 103 -6.51 -13.79 -8.02
C ASP A 103 -5.70 -14.02 -6.77
N TYR A 104 -4.63 -13.23 -6.58
CA TYR A 104 -3.76 -13.39 -5.44
C TYR A 104 -4.45 -13.13 -4.13
N ILE A 105 -5.19 -12.02 -4.04
CA ILE A 105 -5.91 -11.72 -2.80
C ILE A 105 -7.04 -12.76 -2.53
N ALA A 106 -7.72 -13.18 -3.58
CA ALA A 106 -8.77 -14.24 -3.44
C ALA A 106 -8.16 -15.51 -2.84
N SER A 107 -6.99 -15.92 -3.31
CA SER A 107 -6.29 -17.12 -2.74
C SER A 107 -5.88 -16.92 -1.31
N LEU A 108 -5.29 -15.75 -0.99
CA LEU A 108 -4.90 -15.46 0.38
C LEU A 108 -6.08 -15.45 1.32
N ALA A 109 -7.19 -14.83 0.91
CA ALA A 109 -8.39 -14.74 1.74
C ALA A 109 -9.02 -16.11 1.98
N GLY A 110 -8.86 -17.04 1.05
CA GLY A 110 -9.29 -18.43 1.24
C GLY A 110 -8.36 -19.33 2.05
N GLY A 111 -7.30 -18.78 2.64
CA GLY A 111 -6.30 -19.58 3.37
C GLY A 111 -6.67 -20.13 4.74
N GLY A 112 -7.88 -19.83 5.22
CA GLY A 112 -8.39 -20.35 6.51
C GLY A 112 -7.92 -19.51 7.67
N GLU A 113 -7.69 -20.17 8.82
CA GLU A 113 -7.02 -19.53 9.96
C GLU A 113 -5.53 -19.30 9.68
N ALA A 114 -4.97 -20.05 8.72
CA ALA A 114 -3.62 -19.83 8.23
C ALA A 114 -3.42 -18.52 7.43
N ARG A 115 -4.51 -17.92 6.94
CA ARG A 115 -4.43 -16.76 6.03
C ARG A 115 -3.63 -15.57 6.59
N PRO A 116 -3.04 -14.75 5.68
CA PRO A 116 -2.20 -13.66 6.18
C PRO A 116 -3.00 -12.53 6.78
N CYS A 117 -2.29 -11.67 7.50
CA CYS A 117 -2.87 -10.54 8.19
C CYS A 117 -1.92 -9.36 8.05
N TYR A 118 -2.24 -8.47 7.11
CA TYR A 118 -1.37 -7.35 6.81
C TYR A 118 -1.75 -6.13 7.62
N ASP A 119 -0.73 -5.38 8.05
CA ASP A 119 -0.95 -4.08 8.67
C ASP A 119 -1.40 -3.02 7.64
N VAL A 120 -0.87 -3.10 6.43
CA VAL A 120 -1.12 -2.14 5.41
C VAL A 120 -1.31 -2.87 4.08
N ILE A 121 -2.35 -2.49 3.34
CA ILE A 121 -2.53 -2.97 2.00
C ILE A 121 -2.61 -1.75 1.08
N MET A 122 -1.75 -1.71 0.06
CA MET A 122 -1.70 -0.61 -0.89
C MET A 122 -2.08 -1.09 -2.26
N PHE A 123 -3.02 -0.38 -2.90
CA PHE A 123 -3.34 -0.60 -4.32
C PHE A 123 -2.80 0.55 -5.12
N ASP A 124 -1.80 0.25 -5.97
CA ASP A 124 -1.19 1.19 -6.90
C ASP A 124 -1.29 0.54 -8.27
N VAL A 125 -2.50 0.16 -8.63
CA VAL A 125 -2.73 -0.67 -9.81
C VAL A 125 -3.38 0.15 -10.91
N ASP A 126 -2.83 0.07 -12.12
CA ASP A 126 -3.34 0.82 -13.26
C ASP A 126 -3.16 -0.05 -14.51
N SER A 127 -4.26 -0.41 -15.16
CA SER A 127 -4.17 -1.26 -16.37
C SER A 127 -4.04 -0.46 -17.67
N ASP A 129 -6.35 -1.96 -20.43
CA ASP A 129 -7.68 -1.97 -21.02
C ASP A 129 -8.23 -0.53 -20.97
N PRO A 130 -8.43 0.10 -22.15
CA PRO A 130 -9.13 1.40 -22.20
C PRO A 130 -10.65 1.26 -22.17
N THR A 131 -11.15 0.08 -22.53
CA THR A 131 -12.58 -0.24 -22.46
C THR A 131 -13.22 0.14 -21.14
N LEU A 132 -12.57 -0.23 -20.03
CA LEU A 132 -13.13 -0.08 -18.69
C LEU A 132 -13.53 1.35 -18.32
N GLY A 133 -14.52 1.46 -17.42
CA GLY A 133 -14.98 2.75 -16.92
C GLY A 133 -14.01 3.45 -15.97
N MET A 134 -12.97 2.72 -15.59
CA MET A 134 -11.89 3.18 -14.74
CA MET A 134 -11.84 3.23 -14.83
C MET A 134 -10.74 2.19 -14.95
N SER A 135 -9.50 2.66 -14.93
CA SER A 135 -8.35 1.75 -15.03
C SER A 135 -7.41 1.79 -13.81
N CYS A 136 -7.60 2.78 -12.93
CA CYS A 136 -6.74 2.98 -11.76
C CYS A 136 -7.59 3.12 -10.49
N PRO A 137 -7.90 2.02 -9.81
CA PRO A 137 -7.65 0.64 -10.23
C PRO A 137 -8.75 0.16 -11.19
N PRO A 138 -8.53 -0.99 -11.84
CA PRO A 138 -9.65 -1.66 -12.50
C PRO A 138 -10.85 -1.84 -11.53
N PRO A 139 -12.09 -1.70 -12.02
CA PRO A 139 -13.23 -1.64 -11.10
C PRO A 139 -13.43 -2.87 -10.22
N ALA A 140 -12.98 -4.04 -10.67
CA ALA A 140 -13.11 -5.25 -9.85
C ALA A 140 -12.42 -5.14 -8.50
N PHE A 141 -11.36 -4.32 -8.40
CA PHE A 141 -10.60 -4.16 -7.16
C PHE A 141 -11.38 -3.41 -6.10
N VAL A 142 -12.44 -2.68 -6.51
CA VAL A 142 -13.27 -1.92 -5.56
C VAL A 142 -14.76 -2.35 -5.51
N GLU A 143 -15.04 -3.50 -6.10
CA GLU A 143 -16.35 -4.12 -6.03
C GLU A 143 -16.52 -4.73 -4.65
N GLN A 144 -17.72 -4.61 -4.10
CA GLN A 144 -17.92 -4.92 -2.68
C GLN A 144 -17.59 -6.34 -2.27
N SER A 145 -17.89 -7.36 -3.09
CA SER A 145 -17.54 -8.74 -2.71
C SER A 145 -16.00 -8.95 -2.66
N PHE A 146 -15.26 -8.33 -3.58
CA PHE A 146 -13.79 -8.34 -3.50
C PHE A 146 -13.26 -7.55 -2.29
N LEU A 147 -13.86 -6.42 -1.99
CA LEU A 147 -13.47 -5.60 -0.83
C LEU A 147 -13.62 -6.34 0.48
N GLN A 148 -14.61 -7.24 0.57
CA GLN A 148 -14.72 -8.15 1.71
C GLN A 148 -13.50 -9.09 1.85
N LYS A 149 -12.93 -9.54 0.73
CA LYS A 149 -11.71 -10.36 0.75
C LYS A 149 -10.54 -9.53 1.27
N VAL A 150 -10.47 -8.26 0.85
CA VAL A 150 -9.41 -7.35 1.33
C VAL A 150 -9.53 -7.16 2.84
N LYS A 151 -10.74 -6.87 3.29
CA LYS A 151 -10.96 -6.70 4.71
C LYS A 151 -10.54 -7.92 5.51
N SER A 152 -10.78 -9.10 4.96
CA SER A 152 -10.47 -10.35 5.67
C SER A 152 -8.96 -10.59 5.88
N ILE A 153 -8.10 -9.94 5.09
CA ILE A 153 -6.66 -10.06 5.25
C ILE A 153 -5.98 -8.84 5.83
N LEU A 154 -6.75 -7.92 6.37
CA LEU A 154 -6.21 -6.72 6.98
C LEU A 154 -6.32 -6.87 8.49
N THR A 155 -5.34 -6.40 9.22
CA THR A 155 -5.46 -6.34 10.69
C THR A 155 -6.60 -5.36 11.08
N PRO A 156 -7.25 -5.58 12.23
CA PRO A 156 -8.37 -4.72 12.60
C PRO A 156 -8.02 -3.22 12.65
N GLU A 157 -6.81 -2.86 13.06
CA GLU A 157 -6.38 -1.46 13.12
C GLU A 157 -5.46 -1.05 11.95
N GLY A 158 -5.44 -1.87 10.90
CA GLY A 158 -4.60 -1.60 9.74
C GLY A 158 -5.22 -0.54 8.84
N VAL A 159 -4.54 -0.30 7.71
CA VAL A 159 -4.97 0.71 6.77
C VAL A 159 -4.93 0.13 5.36
N PHE A 160 -5.98 0.41 4.59
CA PHE A 160 -6.07 0.05 3.18
C PHE A 160 -5.96 1.36 2.39
N ILE A 161 -4.94 1.46 1.52
CA ILE A 161 -4.58 2.71 0.86
C ILE A 161 -4.71 2.48 -0.62
N LEU A 162 -5.48 3.33 -1.29
CA LEU A 162 -5.83 3.16 -2.68
CA LEU A 162 -5.78 3.17 -2.72
C LEU A 162 -5.48 4.42 -3.50
N ASN A 163 -4.80 4.24 -4.62
CA ASN A 163 -4.56 5.28 -5.59
C ASN A 163 -5.74 5.20 -6.55
N LEU A 164 -6.56 6.26 -6.63
CA LEU A 164 -7.79 6.30 -7.46
C LEU A 164 -7.73 7.41 -8.52
N VAL A 165 -7.96 7.03 -9.77
CA VAL A 165 -8.23 8.00 -10.84
C VAL A 165 -9.59 7.64 -11.39
N CYS A 166 -10.57 8.51 -11.21
CA CYS A 166 -11.88 8.26 -11.76
C CYS A 166 -12.49 9.59 -12.21
N ARG A 167 -12.39 9.89 -13.52
CA ARG A 167 -12.95 11.13 -14.08
C ARG A 167 -14.48 11.10 -14.21
N ASP A 168 -15.05 9.91 -14.35
CA ASP A 168 -16.51 9.73 -14.37
C ASP A 168 -17.03 9.92 -12.94
N LEU A 169 -17.63 11.08 -12.67
CA LEU A 169 -17.96 11.42 -11.30
C LEU A 169 -19.12 10.60 -10.71
N GLY A 170 -20.04 10.16 -11.54
CA GLY A 170 -21.10 9.25 -11.11
C GLY A 170 -20.51 7.93 -10.60
N LEU A 171 -19.64 7.33 -11.41
CA LEU A 171 -18.93 6.13 -11.02
C LEU A 171 -18.11 6.36 -9.76
N LYS A 172 -17.39 7.49 -9.68
CA LYS A 172 -16.57 7.78 -8.52
C LYS A 172 -17.38 7.78 -7.20
N ASP A 173 -18.57 8.39 -7.22
CA ASP A 173 -19.45 8.38 -6.06
C ASP A 173 -19.90 6.97 -5.67
N SER A 174 -20.19 6.12 -6.65
CA SER A 174 -20.53 4.71 -6.41
C SER A 174 -19.35 3.93 -5.80
N VAL A 175 -18.16 4.16 -6.34
CA VAL A 175 -16.93 3.54 -5.80
C VAL A 175 -16.72 3.95 -4.35
N LEU A 176 -16.75 5.26 -4.07
CA LEU A 176 -16.59 5.77 -2.73
C LEU A 176 -17.63 5.23 -1.74
N ALA A 177 -18.88 5.16 -2.19
CA ALA A 177 -19.96 4.62 -1.34
C ALA A 177 -19.72 3.16 -0.97
N GLY A 178 -19.31 2.38 -1.96
CA GLY A 178 -18.97 0.96 -1.75
C GLY A 178 -17.78 0.76 -0.83
N LEU A 179 -16.74 1.57 -1.00
CA LEU A 179 -15.59 1.52 -0.11
C LEU A 179 -16.01 1.80 1.34
N LYS A 180 -16.79 2.85 1.53
CA LYS A 180 -17.25 3.26 2.85
C LYS A 180 -18.16 2.20 3.50
N ALA A 181 -18.95 1.50 2.70
CA ALA A 181 -19.78 0.37 3.19
C ALA A 181 -18.94 -0.72 3.87
N VAL A 182 -17.74 -0.98 3.35
CA VAL A 182 -16.86 -2.01 3.90
C VAL A 182 -15.84 -1.42 4.87
N PHE A 183 -15.35 -0.19 4.61
CA PHE A 183 -14.38 0.50 5.45
C PHE A 183 -14.97 1.83 5.92
N PRO A 184 -15.65 1.82 7.07
CA PRO A 184 -16.43 3.02 7.40
C PRO A 184 -15.64 4.28 7.77
N LEU A 185 -14.37 4.14 8.10
CA LEU A 185 -13.52 5.30 8.32
C LEU A 185 -12.73 5.54 7.02
N LEU A 186 -13.03 6.64 6.34
N LEU A 186 -12.97 6.65 6.35
CA LEU A 186 -12.41 7.01 5.08
CA LEU A 186 -12.38 6.93 5.03
C LEU A 186 -11.77 8.37 5.24
C LEU A 186 -11.85 8.37 4.92
N TYR A 187 -10.52 8.49 4.79
CA TYR A 187 -9.87 9.76 4.59
C TYR A 187 -9.45 9.87 3.13
N VAL A 188 -9.30 11.10 2.66
CA VAL A 188 -9.05 11.38 1.25
C VAL A 188 -7.97 12.46 1.13
N ARG A 189 -7.02 12.23 0.22
CA ARG A 189 -6.03 13.23 -0.14
C ARG A 189 -6.03 13.45 -1.64
N ARG A 190 -6.33 14.68 -2.08
CA ARG A 190 -6.15 15.06 -3.51
C ARG A 190 -4.67 15.40 -3.71
N ILE A 191 -4.09 15.05 -4.84
CA ILE A 191 -2.66 15.26 -5.07
C ILE A 191 -2.47 16.51 -5.93
N GLU A 192 -1.55 17.37 -5.50
CA GLU A 192 -1.27 18.63 -6.20
C GLU A 192 -0.80 18.34 -7.61
N GLY A 193 -1.40 18.99 -8.59
CA GLY A 193 -0.95 18.92 -9.97
C GLY A 193 -1.35 17.65 -10.71
N GLU A 194 -2.29 16.87 -10.16
CA GLU A 194 -2.75 15.66 -10.84
C GLU A 194 -4.14 15.26 -10.41
N VAL A 195 -4.79 14.43 -11.23
CA VAL A 195 -6.17 14.03 -10.98
C VAL A 195 -6.33 12.96 -9.86
N ASN A 196 -5.26 12.21 -9.61
CA ASN A 196 -5.22 11.11 -8.63
C ASN A 196 -5.68 11.56 -7.28
N GLU A 197 -6.44 10.72 -6.59
CA GLU A 197 -6.60 10.92 -5.18
C GLU A 197 -6.28 9.64 -4.41
N ILE A 198 -5.83 9.82 -3.18
CA ILE A 198 -5.45 8.69 -2.34
C ILE A 198 -6.53 8.54 -1.31
N LEU A 199 -7.07 7.32 -1.21
CA LEU A 199 -8.03 6.99 -0.21
C LEU A 199 -7.35 6.16 0.87
N PHE A 200 -7.63 6.50 2.10
CA PHE A 200 -7.09 5.78 3.26
C PHE A 200 -8.28 5.21 4.01
N CYS A 201 -8.38 3.89 4.06
CA CYS A 201 -9.59 3.23 4.52
C CYS A 201 -9.30 2.39 5.74
N GLN A 202 -10.12 2.58 6.77
CA GLN A 202 -9.97 1.82 8.01
C GLN A 202 -11.32 1.28 8.49
N LEU A 203 -11.26 0.41 9.48
CA LEU A 203 -12.41 -0.38 9.89
C LEU A 203 -13.22 0.18 11.07
N HIS A 204 -12.61 1.01 11.92
CA HIS A 204 -13.25 1.40 13.20
C HIS A 204 -13.30 2.91 13.42
N PRO A 205 -14.38 3.56 12.97
CA PRO A 205 -14.54 5.02 13.14
C PRO A 205 -14.51 5.51 14.60
N GLU A 206 -14.97 4.67 15.55
CA GLU A 206 -14.95 5.03 16.99
C GLU A 206 -13.54 5.28 17.57
N GLN A 207 -12.51 4.65 16.99
CA GLN A 207 -11.12 4.79 17.42
C GLN A 207 -10.33 5.87 16.66
N LYS A 208 -11.00 6.61 15.77
CA LYS A 208 -10.31 7.57 14.91
C LYS A 208 -9.59 8.66 15.71
N LEU A 209 -8.54 9.20 15.11
CA LEU A 209 -7.73 10.24 15.73
C LEU A 209 -8.45 11.57 15.61
N ALA A 210 -8.43 12.35 16.70
CA ALA A 210 -8.92 13.75 16.66
C ALA A 210 -7.94 14.57 15.79
N THR A 211 -8.47 15.62 15.16
CA THR A 211 -7.68 16.50 14.27
C THR A 211 -6.29 16.89 14.78
N PRO A 212 -6.18 17.38 16.05
CA PRO A 212 -4.83 17.66 16.55
C PRO A 212 -3.90 16.44 16.52
N GLU A 213 -4.41 15.27 16.91
CA GLU A 213 -3.64 14.01 16.89
C GLU A 213 -3.28 13.61 15.45
N LEU A 214 -4.24 13.75 14.56
CA LEU A 214 -4.05 13.59 13.10
C LEU A 214 -2.87 14.42 12.59
N LEU A 215 -2.85 15.69 12.96
CA LEU A 215 -1.76 16.59 12.60
C LEU A 215 -0.43 16.19 13.23
N GLU A 216 -0.45 15.83 14.51
CA GLU A 216 0.75 15.47 15.24
C GLU A 216 1.44 14.23 14.63
N THR A 217 0.65 13.16 14.41
CA THR A 217 1.18 11.90 13.85
CA THR A 217 1.19 11.91 13.85
C THR A 217 1.78 12.10 12.45
N ALA A 218 1.12 12.91 11.62
CA ALA A 218 1.67 13.19 10.28
C ALA A 218 3.02 13.91 10.33
N GLN A 219 3.13 14.93 11.17
CA GLN A 219 4.36 15.71 11.22
C GLN A 219 5.54 14.90 11.77
N ALA A 220 5.26 14.07 12.75
CA ALA A 220 6.26 13.16 13.30
C ALA A 220 6.78 12.18 12.24
N LEU A 221 5.89 11.61 11.42
CA LEU A 221 6.30 10.70 10.35
C LEU A 221 7.23 11.38 9.35
N GLU A 222 6.87 12.59 8.92
CA GLU A 222 7.66 13.29 7.89
C GLU A 222 9.07 13.69 8.39
N ARG A 223 9.20 13.91 9.69
CA ARG A 223 10.49 14.29 10.31
C ARG A 223 11.49 13.14 10.19
N THR A 224 11.03 11.92 10.47
CA THR A 224 11.86 10.73 10.38
C THR A 224 12.24 10.42 8.92
N LEU A 225 11.28 10.46 8.00
CA LEU A 225 11.54 10.11 6.60
C LEU A 225 12.43 11.10 5.82
N ARG A 226 12.51 12.34 6.31
CA ARG A 226 13.42 13.35 5.76
C ARG A 226 14.85 13.20 6.33
N LYS A 227 14.96 12.71 7.57
CA LYS A 227 16.25 12.44 8.22
C LYS A 227 17.18 11.59 7.32
N PRO A 228 18.42 12.10 7.03
CA PRO A 228 19.30 11.34 6.13
C PRO A 228 19.97 10.16 6.85
N ARG A 230 21.81 7.36 6.36
CA ARG A 230 22.09 6.70 7.64
C ARG A 230 22.02 5.15 7.55
N GLY A 231 22.99 4.48 8.18
CA GLY A 231 22.91 3.04 8.39
C GLY A 231 24.03 2.19 7.83
N TRP A 232 23.80 0.89 7.91
CA TRP A 232 24.75 -0.12 7.48
C TRP A 232 24.06 -1.24 6.72
N ASP A 233 24.59 -1.58 5.55
CA ASP A 233 24.06 -2.69 4.79
C ASP A 233 24.68 -3.99 5.32
N ASP A 234 23.85 -4.82 5.92
CA ASP A 234 24.30 -6.08 6.55
C ASP A 234 24.15 -7.32 5.67
N THR A 235 23.78 -7.14 4.39
CA THR A 235 23.42 -8.30 3.57
C THR A 235 24.62 -9.05 3.02
N TYR A 236 24.45 -10.35 2.81
CA TYR A 236 25.43 -11.20 2.15
C TYR A 236 26.87 -11.04 2.64
N VAL A 237 27.04 -11.09 3.95
CA VAL A 237 28.38 -11.03 4.54
C VAL A 237 29.16 -12.35 4.52
N LEU A 238 28.47 -13.48 4.49
CA LEU A 238 29.13 -14.79 4.69
C LEU A 238 30.14 -15.17 3.59
N SER A 239 29.81 -14.87 2.33
CA SER A 239 30.74 -15.06 1.19
C SER A 239 32.13 -14.45 1.42
N ASP A 240 32.16 -13.18 1.82
CA ASP A 240 33.44 -12.49 2.11
C ASP A 240 34.16 -13.08 3.33
N MET A 241 33.41 -13.43 4.38
CA MET A 241 34.01 -13.99 5.61
C MET A 241 34.62 -15.38 5.43
N LEU A 242 33.98 -16.24 4.63
CA LEU A 242 34.47 -17.62 4.33
C LEU A 242 35.33 -17.64 3.08
#